data_6B9U
#
_entry.id   6B9U
#
_cell.length_a   88.130
_cell.length_b   88.130
_cell.length_c   111.950
_cell.angle_alpha   90.000
_cell.angle_beta   90.000
_cell.angle_gamma   90.000
#
_symmetry.space_group_name_H-M   'P 41 21 2'
#
loop_
_entity.id
_entity.type
_entity.pdbx_description
1 polymer 'DNA gyrase, subunit B:Short-chain dehydrogenase/reductase SDR:Glucose/ribitol dehydrogenase'
2 non-polymer '1,4-DIHYDRONICOTINAMIDE ADENINE DINUCLEOTIDE'
3 water water
#
_entity_poly.entity_id   1
_entity_poly.type   'polypeptide(L)'
_entity_poly.pdbx_seq_one_letter_code
;GPGSMVSLEGKVALITGAGSGFGEGMAKRFAKGGAKVVIVDRDKAGAERVAGEIGDAALAVAADISKEADVDAAVEAALS
KFGKVDILVNNAGIGHKPQNAELVEPEEFDRIVGVNVRGVYLMTRKLIPHFKENGAKGQECVILNVASTGAGRPRPNLAW
YNATKGWVVSVTKALAIELAPAKIRVVALNPVAGETPLLTTFMGEDSEEIRKKFRDSIPMGRLLKPDDLAEAAAFLCSPQ
ASMITGVALDVDGGRSI
;
_entity_poly.pdbx_strand_id   A,B
#
loop_
_chem_comp.id
_chem_comp.type
_chem_comp.name
_chem_comp.formula
NAI non-polymer '1,4-DIHYDRONICOTINAMIDE ADENINE DINUCLEOTIDE' 'C21 H29 N7 O14 P2'
#
# COMPACT_ATOMS: atom_id res chain seq x y z
N SER A 7 6.32 14.72 8.59
CA SER A 7 5.92 13.31 8.55
C SER A 7 7.13 12.40 8.58
N LEU A 8 8.09 12.69 7.71
CA LEU A 8 9.42 12.12 7.81
C LEU A 8 10.39 13.06 8.51
N GLU A 9 9.88 14.05 9.24
CA GLU A 9 10.73 14.99 9.96
C GLU A 9 11.59 14.25 10.98
N GLY A 10 12.87 14.61 11.02
CA GLY A 10 13.82 13.96 11.90
C GLY A 10 14.42 12.67 11.36
N LYS A 11 13.89 12.12 10.28
CA LYS A 11 14.37 10.86 9.74
C LYS A 11 15.55 11.07 8.80
N VAL A 12 16.37 10.03 8.67
CA VAL A 12 17.51 10.02 7.75
C VAL A 12 17.31 8.84 6.83
N ALA A 13 17.26 9.11 5.53
CA ALA A 13 17.02 8.08 4.52
C ALA A 13 18.23 7.95 3.62
N LEU A 14 18.74 6.73 3.49
CA LEU A 14 19.80 6.44 2.52
C LEU A 14 19.12 5.78 1.33
N ILE A 15 19.25 6.40 0.16
CA ILE A 15 18.56 5.93 -1.05
C ILE A 15 19.62 5.58 -2.08
N THR A 16 19.68 4.32 -2.48
CA THR A 16 20.60 3.96 -3.54
C THR A 16 20.00 4.29 -4.89
N GLY A 17 20.86 4.65 -5.83
CA GLY A 17 20.38 5.01 -7.15
C GLY A 17 19.59 6.30 -7.19
N ALA A 18 19.79 7.18 -6.22
CA ALA A 18 19.03 8.41 -6.15
C ALA A 18 19.60 9.52 -7.03
N GLY A 19 20.56 9.21 -7.90
CA GLY A 19 21.06 10.21 -8.81
C GLY A 19 20.26 10.35 -10.09
N SER A 20 19.13 9.64 -10.20
CA SER A 20 18.35 9.60 -11.42
C SER A 20 17.00 8.98 -11.11
N GLY A 21 16.03 9.25 -11.99
CA GLY A 21 14.81 8.45 -12.09
C GLY A 21 14.01 8.35 -10.80
N PHE A 22 13.51 7.14 -10.52
CA PHE A 22 12.67 6.94 -9.34
C PHE A 22 13.41 7.35 -8.06
N GLY A 23 14.69 6.98 -7.97
CA GLY A 23 15.44 7.31 -6.77
C GLY A 23 15.56 8.81 -6.56
N GLU A 24 15.79 9.55 -7.65
CA GLU A 24 15.82 11.00 -7.56
C GLU A 24 14.49 11.55 -7.07
N GLY A 25 13.39 11.02 -7.59
CA GLY A 25 12.09 11.48 -7.14
C GLY A 25 11.84 11.20 -5.67
N MET A 26 12.30 10.03 -5.20
CA MET A 26 12.10 9.70 -3.78
C MET A 26 12.96 10.57 -2.88
N ALA A 27 14.22 10.79 -3.26
CA ALA A 27 15.07 11.68 -2.48
C ALA A 27 14.44 13.06 -2.36
N LYS A 28 13.93 13.60 -3.48
CA LYS A 28 13.33 14.92 -3.44
C LYS A 28 12.07 14.94 -2.58
N ARG A 29 11.22 13.92 -2.74
CA ARG A 29 9.97 13.89 -1.97
C ARG A 29 10.24 13.70 -0.49
N PHE A 30 11.18 12.83 -0.14
CA PHE A 30 11.51 12.63 1.27
C PHE A 30 12.06 13.91 1.91
N ALA A 31 12.96 14.60 1.21
CA ALA A 31 13.50 15.86 1.73
C ALA A 31 12.40 16.89 1.92
N LYS A 32 11.43 16.95 1.00
CA LYS A 32 10.31 17.86 1.19
C LYS A 32 9.50 17.50 2.41
N GLY A 33 9.51 16.21 2.80
CA GLY A 33 8.86 15.73 4.00
C GLY A 33 9.66 15.90 5.27
N GLY A 34 10.81 16.57 5.21
CA GLY A 34 11.61 16.84 6.39
C GLY A 34 12.78 15.90 6.61
N ALA A 35 12.97 14.91 5.73
CA ALA A 35 14.03 13.93 5.92
C ALA A 35 15.38 14.47 5.46
N LYS A 36 16.44 14.03 6.13
CA LYS A 36 17.76 14.11 5.54
C LYS A 36 17.93 12.92 4.60
N VAL A 37 18.67 13.11 3.51
CA VAL A 37 18.75 12.07 2.49
C VAL A 37 20.21 11.88 2.11
N VAL A 38 20.64 10.62 2.07
CA VAL A 38 21.97 10.26 1.59
C VAL A 38 21.79 9.69 0.19
N ILE A 39 22.36 10.37 -0.80
CA ILE A 39 22.20 10.05 -2.21
CA ILE A 39 22.18 10.01 -2.20
C ILE A 39 23.38 9.17 -2.61
N VAL A 40 23.14 7.86 -2.72
CA VAL A 40 24.20 6.90 -3.03
C VAL A 40 24.03 6.45 -4.48
N ASP A 41 25.04 6.68 -5.31
CA ASP A 41 24.91 6.34 -6.71
C ASP A 41 26.31 6.14 -7.29
N ARG A 42 26.41 5.26 -8.29
CA ARG A 42 27.67 5.14 -9.01
C ARG A 42 27.91 6.31 -9.94
N ASP A 43 26.85 7.06 -10.26
CA ASP A 43 26.89 8.21 -11.14
C ASP A 43 27.15 9.43 -10.27
N LYS A 44 28.42 9.80 -10.12
CA LYS A 44 28.77 10.88 -9.21
C LYS A 44 28.13 12.19 -9.63
N ALA A 45 28.07 12.46 -10.93
CA ALA A 45 27.52 13.72 -11.41
C ALA A 45 26.02 13.81 -11.14
N GLY A 46 25.29 12.70 -11.32
CA GLY A 46 23.88 12.71 -11.01
C GLY A 46 23.61 12.84 -9.52
N ALA A 47 24.37 12.11 -8.71
CA ALA A 47 24.24 12.24 -7.26
C ALA A 47 24.48 13.67 -6.81
N GLU A 48 25.50 14.33 -7.36
CA GLU A 48 25.80 15.68 -6.91
C GLU A 48 24.76 16.67 -7.41
N ARG A 49 24.23 16.46 -8.62
CA ARG A 49 23.17 17.35 -9.11
C ARG A 49 21.95 17.24 -8.22
N VAL A 50 21.50 16.01 -7.94
CA VAL A 50 20.33 15.83 -7.09
C VAL A 50 20.55 16.43 -5.72
N ALA A 51 21.70 16.12 -5.12
CA ALA A 51 21.98 16.63 -3.78
C ALA A 51 22.01 18.14 -3.76
N GLY A 52 22.56 18.75 -4.81
CA GLY A 52 22.62 20.20 -4.87
C GLY A 52 21.26 20.84 -5.14
N GLU A 53 20.42 20.16 -5.93
CA GLU A 53 19.06 20.65 -6.14
C GLU A 53 18.24 20.57 -4.86
N ILE A 54 18.48 19.55 -4.04
CA ILE A 54 17.77 19.43 -2.77
C ILE A 54 18.28 20.44 -1.75
N GLY A 55 19.60 20.51 -1.56
CA GLY A 55 20.19 21.48 -0.65
C GLY A 55 20.91 20.83 0.51
N ASP A 56 21.00 21.57 1.62
CA ASP A 56 21.80 21.14 2.76
C ASP A 56 21.28 19.87 3.43
N ALA A 57 20.03 19.46 3.15
CA ALA A 57 19.51 18.21 3.72
C ALA A 57 19.98 16.97 2.97
N ALA A 58 20.71 17.13 1.87
CA ALA A 58 21.14 16.02 1.05
C ALA A 58 22.65 15.90 1.08
N LEU A 59 23.14 14.66 1.08
CA LEU A 59 24.55 14.35 0.95
C LEU A 59 24.73 13.40 -0.23
N ALA A 60 25.62 13.75 -1.15
CA ALA A 60 25.93 12.90 -2.28
C ALA A 60 27.08 11.97 -1.93
N VAL A 61 26.92 10.67 -2.22
CA VAL A 61 27.95 9.67 -1.98
C VAL A 61 28.12 8.83 -3.24
N ALA A 62 29.30 8.90 -3.85
CA ALA A 62 29.55 8.07 -5.02
C ALA A 62 29.98 6.68 -4.57
N ALA A 63 29.26 5.65 -5.02
CA ALA A 63 29.58 4.30 -4.61
C ALA A 63 28.96 3.30 -5.56
N ASP A 64 29.68 2.22 -5.82
CA ASP A 64 29.19 1.07 -6.57
C ASP A 64 28.75 0.04 -5.53
N ILE A 65 27.44 -0.06 -5.32
CA ILE A 65 26.92 -0.85 -4.22
C ILE A 65 27.08 -2.35 -4.49
N SER A 66 27.58 -2.71 -5.66
CA SER A 66 27.92 -4.12 -5.88
C SER A 66 29.23 -4.50 -5.21
N LYS A 67 30.00 -3.54 -4.70
CA LYS A 67 31.30 -3.78 -4.09
C LYS A 67 31.23 -3.53 -2.59
N GLU A 68 31.77 -4.48 -1.81
CA GLU A 68 31.65 -4.40 -0.35
C GLU A 68 32.34 -3.15 0.20
N ALA A 69 33.52 -2.83 -0.32
CA ALA A 69 34.27 -1.67 0.19
C ALA A 69 33.48 -0.38 -0.01
N ASP A 70 32.84 -0.22 -1.16
CA ASP A 70 32.05 0.99 -1.41
C ASP A 70 30.85 1.08 -0.48
N VAL A 71 30.26 -0.07 -0.15
CA VAL A 71 29.11 -0.05 0.75
C VAL A 71 29.55 0.33 2.16
N ASP A 72 30.64 -0.27 2.65
CA ASP A 72 31.19 0.10 3.94
C ASP A 72 31.45 1.61 3.99
N ALA A 73 31.98 2.17 2.91
CA ALA A 73 32.33 3.59 2.88
C ALA A 73 31.08 4.46 2.84
N ALA A 74 30.06 4.04 2.09
CA ALA A 74 28.82 4.81 2.00
C ALA A 74 28.09 4.84 3.33
N VAL A 75 28.05 3.71 4.03
CA VAL A 75 27.42 3.67 5.35
C VAL A 75 28.19 4.54 6.34
N GLU A 76 29.52 4.39 6.37
CA GLU A 76 30.32 5.21 7.28
C GLU A 76 30.11 6.70 6.99
N ALA A 77 30.00 7.07 5.72
CA ALA A 77 29.79 8.46 5.35
C ALA A 77 28.42 8.95 5.82
N ALA A 78 27.39 8.12 5.65
CA ALA A 78 26.05 8.49 6.08
C ALA A 78 26.01 8.71 7.58
N LEU A 79 26.60 7.79 8.36
CA LEU A 79 26.56 7.92 9.81
C LEU A 79 27.41 9.09 10.28
N SER A 80 28.56 9.35 9.63
CA SER A 80 29.36 10.50 10.02
C SER A 80 28.61 11.80 9.78
N LYS A 81 27.91 11.91 8.66
CA LYS A 81 27.27 13.16 8.30
C LYS A 81 26.02 13.41 9.13
N PHE A 82 25.14 12.42 9.24
CA PHE A 82 23.82 12.60 9.83
C PHE A 82 23.63 11.85 11.16
N GLY A 83 24.63 11.09 11.62
CA GLY A 83 24.58 10.49 12.93
C GLY A 83 23.78 9.20 13.04
N LYS A 84 22.83 8.99 12.14
CA LYS A 84 21.99 7.79 12.15
C LYS A 84 21.41 7.62 10.77
N VAL A 85 20.92 6.40 10.50
CA VAL A 85 20.08 6.12 9.34
C VAL A 85 18.83 5.43 9.83
N ASP A 86 17.66 5.98 9.46
CA ASP A 86 16.35 5.49 9.83
C ASP A 86 15.69 4.66 8.75
N ILE A 87 15.98 4.98 7.50
CA ILE A 87 15.29 4.43 6.33
C ILE A 87 16.36 4.07 5.32
N LEU A 88 16.33 2.82 4.84
CA LEU A 88 17.14 2.40 3.70
C LEU A 88 16.20 2.13 2.53
N VAL A 89 16.46 2.78 1.40
CA VAL A 89 15.70 2.53 0.17
C VAL A 89 16.64 1.87 -0.83
N ASN A 90 16.41 0.58 -1.11
CA ASN A 90 17.23 -0.16 -2.09
C ASN A 90 16.59 0.03 -3.46
N ASN A 91 17.04 1.07 -4.17
CA ASN A 91 16.44 1.44 -5.44
C ASN A 91 17.38 1.29 -6.63
N ALA A 92 18.70 1.30 -6.43
CA ALA A 92 19.62 1.11 -7.54
C ALA A 92 19.33 -0.22 -8.24
N GLY A 93 19.50 -0.23 -9.55
CA GLY A 93 19.25 -1.41 -10.34
C GLY A 93 19.62 -1.16 -11.78
N ILE A 94 19.92 -2.25 -12.48
CA ILE A 94 20.18 -2.23 -13.91
C ILE A 94 19.39 -3.36 -14.56
N GLY A 95 19.30 -3.32 -15.87
CA GLY A 95 18.55 -4.34 -16.58
C GLY A 95 19.31 -4.82 -17.80
N HIS A 96 18.63 -5.57 -18.67
CA HIS A 96 19.15 -5.87 -19.99
C HIS A 96 18.12 -5.49 -21.03
N LYS A 97 18.59 -5.26 -22.26
CA LYS A 97 17.68 -4.99 -23.35
C LYS A 97 16.73 -6.18 -23.54
N PRO A 98 15.46 -5.94 -23.90
CA PRO A 98 14.56 -7.06 -24.15
C PRO A 98 15.12 -7.94 -25.26
N GLN A 99 15.15 -9.24 -25.01
CA GLN A 99 15.72 -10.21 -25.95
C GLN A 99 15.41 -11.60 -25.44
N ASN A 100 15.60 -12.58 -26.31
CA ASN A 100 15.44 -13.96 -25.91
C ASN A 100 16.37 -14.28 -24.75
N ALA A 101 15.83 -14.98 -23.74
CA ALA A 101 16.58 -15.18 -22.50
C ALA A 101 17.93 -15.84 -22.75
N GLU A 102 17.99 -16.81 -23.68
CA GLU A 102 19.23 -17.54 -23.89
C GLU A 102 20.30 -16.72 -24.60
N LEU A 103 20.03 -15.45 -24.93
CA LEU A 103 21.02 -14.61 -25.58
C LEU A 103 21.76 -13.69 -24.61
N VAL A 104 21.33 -13.63 -23.35
CA VAL A 104 22.03 -12.85 -22.33
C VAL A 104 23.22 -13.68 -21.84
N GLU A 105 24.42 -13.19 -22.08
CA GLU A 105 25.59 -14.00 -21.82
C GLU A 105 26.03 -13.85 -20.37
N PRO A 106 26.86 -14.77 -19.88
CA PRO A 106 27.14 -14.79 -18.43
C PRO A 106 27.72 -13.49 -17.87
N GLU A 107 28.51 -12.74 -18.65
CA GLU A 107 29.07 -11.49 -18.14
C GLU A 107 27.97 -10.48 -17.82
N GLU A 108 26.98 -10.34 -18.71
CA GLU A 108 25.88 -9.42 -18.46
C GLU A 108 24.98 -9.95 -17.35
N PHE A 109 24.70 -11.26 -17.36
CA PHE A 109 23.90 -11.84 -16.28
C PHE A 109 24.54 -11.55 -14.91
N ASP A 110 25.86 -11.75 -14.80
CA ASP A 110 26.54 -11.60 -13.53
C ASP A 110 26.53 -10.16 -13.04
N ARG A 111 26.66 -9.19 -13.95
CA ARG A 111 26.60 -7.77 -13.57
CA ARG A 111 26.61 -7.78 -13.55
C ARG A 111 25.23 -7.41 -13.04
N ILE A 112 24.17 -7.89 -13.69
CA ILE A 112 22.80 -7.58 -13.25
C ILE A 112 22.56 -8.14 -11.85
N VAL A 113 22.98 -9.38 -11.61
CA VAL A 113 22.87 -9.95 -10.27
C VAL A 113 23.69 -9.13 -9.28
N GLY A 114 24.89 -8.71 -9.69
CA GLY A 114 25.72 -7.91 -8.79
C GLY A 114 25.03 -6.66 -8.27
N VAL A 115 24.30 -5.95 -9.13
CA VAL A 115 23.64 -4.73 -8.69
C VAL A 115 22.34 -5.06 -7.97
N ASN A 116 21.45 -5.79 -8.65
CA ASN A 116 20.08 -5.95 -8.17
C ASN A 116 19.95 -6.93 -7.01
N VAL A 117 20.89 -7.85 -6.87
CA VAL A 117 20.84 -8.88 -5.84
C VAL A 117 21.94 -8.66 -4.80
N ARG A 118 23.20 -8.75 -5.21
CA ARG A 118 24.29 -8.59 -4.24
C ARG A 118 24.27 -7.21 -3.60
N GLY A 119 23.99 -6.16 -4.39
CA GLY A 119 23.99 -4.82 -3.82
C GLY A 119 22.93 -4.62 -2.75
N VAL A 120 21.75 -5.24 -2.95
CA VAL A 120 20.72 -5.18 -1.91
C VAL A 120 21.19 -5.93 -0.68
N TYR A 121 21.80 -7.11 -0.88
CA TYR A 121 22.31 -7.89 0.23
C TYR A 121 23.37 -7.12 1.01
N LEU A 122 24.32 -6.50 0.30
CA LEU A 122 25.40 -5.79 0.98
C LEU A 122 24.87 -4.60 1.76
N MET A 123 24.09 -3.73 1.12
CA MET A 123 23.61 -2.53 1.81
C MET A 123 22.72 -2.89 2.99
N THR A 124 21.86 -3.90 2.82
CA THR A 124 20.99 -4.28 3.92
C THR A 124 21.78 -4.91 5.06
N ARG A 125 22.66 -5.85 4.75
CA ARG A 125 23.45 -6.52 5.78
C ARG A 125 24.30 -5.53 6.56
N LYS A 126 24.83 -4.51 5.88
CA LYS A 126 25.71 -3.57 6.56
C LYS A 126 24.96 -2.65 7.51
N LEU A 127 23.68 -2.38 7.22
CA LEU A 127 22.91 -1.46 8.04
C LEU A 127 22.05 -2.13 9.10
N ILE A 128 21.81 -3.44 8.99
CA ILE A 128 20.96 -4.12 9.97
C ILE A 128 21.47 -3.94 11.40
N PRO A 129 22.79 -4.04 11.68
CA PRO A 129 23.22 -3.83 13.06
C PRO A 129 22.88 -2.44 13.58
N HIS A 130 23.07 -1.41 12.75
CA HIS A 130 22.68 -0.06 13.15
C HIS A 130 21.18 0.02 13.40
N PHE A 131 20.38 -0.49 12.46
CA PHE A 131 18.93 -0.49 12.61
C PHE A 131 18.49 -1.20 13.89
N LYS A 132 19.12 -2.34 14.21
CA LYS A 132 18.78 -3.06 15.43
C LYS A 132 19.09 -2.21 16.66
N GLU A 133 20.25 -1.55 16.66
CA GLU A 133 20.56 -0.61 17.74
C GLU A 133 19.46 0.45 17.86
N ASN A 134 19.04 1.01 16.72
CA ASN A 134 18.00 2.05 16.76
C ASN A 134 16.69 1.49 17.28
N GLY A 135 16.31 0.29 16.82
CA GLY A 135 15.06 -0.29 17.29
C GLY A 135 15.08 -0.59 18.77
N ALA A 136 16.23 -1.00 19.29
CA ALA A 136 16.36 -1.22 20.73
C ALA A 136 16.19 0.07 21.52
N LYS A 137 16.37 1.23 20.88
CA LYS A 137 16.15 2.51 21.50
C LYS A 137 14.73 3.04 21.29
N GLY A 138 13.83 2.23 20.72
CA GLY A 138 12.49 2.67 20.45
C GLY A 138 12.32 3.46 19.17
N GLN A 139 13.32 3.46 18.29
CA GLN A 139 13.25 4.17 17.02
C GLN A 139 13.02 3.15 15.92
N GLU A 140 11.83 3.18 15.31
CA GLU A 140 11.55 2.22 14.25
C GLU A 140 12.35 2.58 13.00
N CYS A 141 12.85 1.56 12.32
CA CYS A 141 13.55 1.71 11.04
C CYS A 141 12.76 1.01 9.96
N VAL A 142 12.99 1.43 8.71
CA VAL A 142 12.30 0.84 7.57
C VAL A 142 13.30 0.56 6.46
N ILE A 143 13.21 -0.63 5.89
CA ILE A 143 13.87 -0.97 4.63
C ILE A 143 12.80 -1.03 3.56
N LEU A 144 12.96 -0.22 2.51
CA LEU A 144 12.07 -0.24 1.34
C LEU A 144 12.87 -0.68 0.13
N ASN A 145 12.41 -1.75 -0.52
CA ASN A 145 13.05 -2.30 -1.71
C ASN A 145 12.21 -2.02 -2.94
N VAL A 146 12.84 -1.51 -3.99
CA VAL A 146 12.14 -1.27 -5.26
C VAL A 146 12.28 -2.51 -6.11
N ALA A 147 11.17 -3.21 -6.35
CA ALA A 147 11.16 -4.37 -7.21
C ALA A 147 10.58 -3.98 -8.56
N SER A 148 9.50 -4.65 -8.99
CA SER A 148 8.91 -4.43 -10.32
C SER A 148 7.66 -5.28 -10.50
N THR A 149 6.69 -4.80 -11.29
CA THR A 149 5.56 -5.66 -11.65
C THR A 149 6.03 -6.93 -12.37
N GLY A 150 7.22 -6.90 -12.97
CA GLY A 150 7.69 -8.08 -13.69
C GLY A 150 8.16 -9.22 -12.79
N ALA A 151 8.39 -8.93 -11.52
CA ALA A 151 8.77 -9.99 -10.58
C ALA A 151 7.72 -11.08 -10.53
N GLY A 152 6.44 -10.71 -10.47
CA GLY A 152 5.36 -11.68 -10.40
C GLY A 152 4.42 -11.67 -11.58
N ARG A 153 4.54 -10.66 -12.45
CA ARG A 153 3.71 -10.52 -13.65
C ARG A 153 4.58 -10.22 -14.87
N PRO A 154 5.49 -11.12 -15.21
CA PRO A 154 6.42 -10.86 -16.31
C PRO A 154 5.73 -10.92 -17.67
N ARG A 155 6.27 -10.14 -18.59
CA ARG A 155 6.01 -10.29 -20.01
C ARG A 155 7.29 -10.80 -20.66
N PRO A 156 7.21 -11.38 -21.86
CA PRO A 156 8.42 -11.99 -22.45
C PRO A 156 9.57 -11.01 -22.64
N ASN A 157 10.79 -11.56 -22.61
CA ASN A 157 12.04 -10.96 -23.09
C ASN A 157 12.81 -10.17 -22.04
N LEU A 158 12.37 -10.18 -20.78
CA LEU A 158 13.16 -9.59 -19.70
C LEU A 158 13.39 -10.59 -18.59
N ALA A 159 13.69 -11.85 -18.94
CA ALA A 159 13.64 -12.94 -17.97
C ALA A 159 14.59 -12.71 -16.78
N TRP A 160 15.85 -12.41 -17.05
CA TRP A 160 16.79 -12.41 -15.94
C TRP A 160 16.67 -11.14 -15.11
N TYR A 161 16.30 -10.03 -15.73
CA TYR A 161 15.99 -8.83 -14.97
C TYR A 161 14.81 -9.09 -14.03
N ASN A 162 13.72 -9.64 -14.58
CA ASN A 162 12.52 -9.87 -13.77
C ASN A 162 12.79 -10.80 -12.59
N ALA A 163 13.61 -11.84 -12.81
CA ALA A 163 13.91 -12.77 -11.72
C ALA A 163 14.69 -12.08 -10.59
N THR A 164 15.58 -11.13 -10.90
CA THR A 164 16.24 -10.41 -9.81
C THR A 164 15.22 -9.65 -8.98
N LYS A 165 14.16 -9.14 -9.61
CA LYS A 165 13.14 -8.45 -8.86
C LYS A 165 12.28 -9.43 -8.07
N GLY A 166 12.14 -10.66 -8.55
CA GLY A 166 11.51 -11.69 -7.74
C GLY A 166 12.32 -12.00 -6.49
N TRP A 167 13.65 -12.06 -6.64
CA TRP A 167 14.53 -12.16 -5.48
C TRP A 167 14.24 -11.04 -4.49
N VAL A 168 14.10 -9.81 -4.98
CA VAL A 168 13.87 -8.66 -4.10
C VAL A 168 12.56 -8.79 -3.33
N VAL A 169 11.48 -9.19 -4.02
CA VAL A 169 10.20 -9.38 -3.34
C VAL A 169 10.32 -10.46 -2.28
N SER A 170 11.01 -11.55 -2.60
CA SER A 170 11.19 -12.65 -1.67
C SER A 170 12.01 -12.22 -0.45
N VAL A 171 13.11 -11.53 -0.68
CA VAL A 171 13.96 -11.15 0.44
C VAL A 171 13.24 -10.12 1.32
N THR A 172 12.32 -9.35 0.72
CA THR A 172 11.50 -8.43 1.50
C THR A 172 10.69 -9.19 2.53
N LYS A 173 10.04 -10.27 2.10
CA LYS A 173 9.23 -11.06 3.02
C LYS A 173 10.11 -11.70 4.09
N ALA A 174 11.23 -12.29 3.68
CA ALA A 174 12.06 -13.02 4.63
C ALA A 174 12.68 -12.09 5.66
N LEU A 175 13.17 -10.94 5.23
CA LEU A 175 13.71 -9.98 6.19
C LEU A 175 12.60 -9.41 7.08
N ALA A 176 11.43 -9.13 6.50
CA ALA A 176 10.34 -8.59 7.29
C ALA A 176 10.00 -9.49 8.47
N ILE A 177 9.86 -10.80 8.24
CA ILE A 177 9.44 -11.65 9.35
C ILE A 177 10.56 -11.79 10.37
N GLU A 178 11.81 -11.77 9.91
CA GLU A 178 12.94 -11.92 10.84
C GLU A 178 13.15 -10.67 11.67
N LEU A 179 12.96 -9.48 11.08
CA LEU A 179 13.35 -8.22 11.72
C LEU A 179 12.22 -7.51 12.42
N ALA A 180 10.97 -7.95 12.25
CA ALA A 180 9.86 -7.26 12.91
C ALA A 180 10.01 -7.17 14.43
N PRO A 181 10.44 -8.20 15.15
CA PRO A 181 10.62 -8.03 16.61
C PRO A 181 11.71 -7.05 16.96
N ALA A 182 12.59 -6.70 16.03
CA ALA A 182 13.61 -5.70 16.26
C ALA A 182 13.12 -4.29 15.96
N LYS A 183 11.84 -4.13 15.66
CA LYS A 183 11.22 -2.85 15.29
C LYS A 183 11.75 -2.34 13.94
N ILE A 184 12.04 -3.25 13.02
CA ILE A 184 12.45 -2.88 11.66
C ILE A 184 11.41 -3.41 10.69
N ARG A 185 10.79 -2.50 9.93
CA ARG A 185 9.85 -2.90 8.90
C ARG A 185 10.57 -3.05 7.57
N VAL A 186 10.10 -3.98 6.75
CA VAL A 186 10.72 -4.25 5.46
C VAL A 186 9.59 -4.38 4.44
N VAL A 187 9.58 -3.51 3.43
CA VAL A 187 8.49 -3.45 2.47
C VAL A 187 9.08 -3.27 1.07
N ALA A 188 8.24 -3.50 0.07
CA ALA A 188 8.68 -3.36 -1.31
C ALA A 188 7.63 -2.62 -2.11
N LEU A 189 8.08 -1.94 -3.17
CA LEU A 189 7.21 -1.36 -4.18
C LEU A 189 7.43 -2.08 -5.51
N ASN A 190 6.33 -2.33 -6.22
CA ASN A 190 6.36 -2.91 -7.57
C ASN A 190 5.89 -1.86 -8.55
N PRO A 191 6.78 -1.01 -9.08
CA PRO A 191 6.36 -0.06 -10.12
C PRO A 191 6.23 -0.74 -11.47
N VAL A 192 5.36 -0.15 -12.29
CA VAL A 192 5.27 -0.47 -13.71
C VAL A 192 6.18 0.50 -14.44
N ALA A 193 6.31 0.33 -15.75
CA ALA A 193 7.11 1.20 -16.61
C ALA A 193 6.93 2.67 -16.26
N GLY A 194 8.05 3.33 -15.93
CA GLY A 194 8.00 4.72 -15.52
C GLY A 194 8.84 5.63 -16.38
N GLU A 195 8.54 6.94 -16.35
CA GLU A 195 9.25 7.93 -17.13
C GLU A 195 10.55 8.27 -16.40
N THR A 196 11.54 7.42 -16.62
CA THR A 196 12.90 7.57 -16.10
C THR A 196 13.87 7.34 -17.24
N PRO A 197 15.15 7.71 -17.08
CA PRO A 197 16.12 7.46 -18.15
C PRO A 197 16.29 5.99 -18.51
N LEU A 198 16.02 5.08 -17.57
CA LEU A 198 16.15 3.65 -17.82
C LEU A 198 15.04 3.09 -18.70
N LEU A 199 13.95 3.83 -18.89
CA LEU A 199 12.79 3.30 -19.61
C LEU A 199 13.14 2.88 -21.03
N THR A 200 14.01 3.63 -21.71
CA THR A 200 14.39 3.26 -23.08
C THR A 200 15.15 1.94 -23.12
N THR A 201 15.71 1.49 -21.98
CA THR A 201 16.38 0.21 -21.95
C THR A 201 15.38 -0.95 -21.91
N PHE A 202 14.35 -0.84 -21.06
CA PHE A 202 13.31 -1.86 -21.03
C PHE A 202 12.44 -1.84 -22.28
N MET A 203 12.42 -0.72 -23.01
CA MET A 203 11.73 -0.66 -24.28
C MET A 203 12.70 -1.02 -25.40
N ARG A 211 5.97 3.68 -26.84
CA ARG A 211 5.44 4.24 -25.60
C ARG A 211 3.92 4.17 -25.57
N LYS A 212 3.30 4.30 -26.75
CA LYS A 212 1.85 4.09 -26.84
C LYS A 212 1.49 2.65 -26.49
N LYS A 213 2.33 1.70 -26.91
CA LYS A 213 2.09 0.30 -26.58
C LYS A 213 2.10 0.08 -25.07
N PHE A 214 3.06 0.69 -24.37
CA PHE A 214 3.12 0.55 -22.93
C PHE A 214 1.95 1.28 -22.27
N ARG A 215 1.63 2.48 -22.75
CA ARG A 215 0.55 3.27 -22.17
C ARG A 215 -0.78 2.51 -22.22
N ASP A 216 -1.07 1.89 -23.38
CA ASP A 216 -2.34 1.20 -23.55
C ASP A 216 -2.44 -0.08 -22.72
N SER A 217 -1.31 -0.61 -22.25
CA SER A 217 -1.31 -1.80 -21.41
C SER A 217 -1.54 -1.51 -19.94
N ILE A 218 -1.66 -0.23 -19.57
CA ILE A 218 -1.86 0.19 -18.20
C ILE A 218 -3.33 0.64 -18.08
N PRO A 219 -4.16 -0.06 -17.30
CA PRO A 219 -5.60 0.28 -17.28
C PRO A 219 -5.91 1.72 -16.91
N MET A 220 -5.14 2.34 -16.01
CA MET A 220 -5.40 3.74 -15.66
C MET A 220 -5.01 4.70 -16.78
N GLY A 221 -4.29 4.23 -17.81
CA GLY A 221 -4.15 4.99 -19.03
C GLY A 221 -2.94 5.88 -19.16
N ARG A 222 -1.97 5.80 -18.25
CA ARG A 222 -0.76 6.59 -18.40
C ARG A 222 0.42 5.88 -17.74
N LEU A 223 1.62 6.30 -18.13
CA LEU A 223 2.83 5.77 -17.50
C LEU A 223 2.97 6.29 -16.08
N LEU A 224 3.73 5.56 -15.28
CA LEU A 224 4.03 6.00 -13.92
C LEU A 224 5.02 7.15 -13.95
N LYS A 225 4.80 8.15 -13.09
CA LYS A 225 5.81 9.19 -12.99
C LYS A 225 6.54 9.05 -11.67
N PRO A 226 7.80 9.51 -11.57
CA PRO A 226 8.52 9.36 -10.30
C PRO A 226 7.77 9.90 -9.11
N ASP A 227 7.02 11.00 -9.28
CA ASP A 227 6.24 11.55 -8.18
C ASP A 227 5.20 10.57 -7.67
N ASP A 228 4.60 9.76 -8.56
CA ASP A 228 3.63 8.76 -8.11
C ASP A 228 4.28 7.75 -7.18
N LEU A 229 5.41 7.19 -7.60
CA LEU A 229 6.05 6.17 -6.79
C LEU A 229 6.57 6.78 -5.48
N ALA A 230 7.05 8.02 -5.54
CA ALA A 230 7.61 8.66 -4.35
C ALA A 230 6.57 8.84 -3.26
N GLU A 231 5.31 9.09 -3.64
CA GLU A 231 4.27 9.24 -2.63
C GLU A 231 4.01 7.93 -1.91
N ALA A 232 3.98 6.82 -2.65
CA ALA A 232 3.80 5.54 -2.00
C ALA A 232 5.00 5.20 -1.12
N ALA A 233 6.20 5.51 -1.59
CA ALA A 233 7.39 5.28 -0.76
C ALA A 233 7.33 6.11 0.51
N ALA A 234 6.93 7.37 0.39
CA ALA A 234 6.88 8.24 1.56
C ALA A 234 5.86 7.71 2.57
N PHE A 235 4.73 7.21 2.09
CA PHE A 235 3.74 6.67 3.01
C PHE A 235 4.28 5.44 3.72
N LEU A 236 4.84 4.49 2.95
CA LEU A 236 5.30 3.25 3.54
C LEU A 236 6.46 3.45 4.50
N CYS A 237 7.30 4.47 4.28
CA CYS A 237 8.43 4.73 5.15
C CYS A 237 8.10 5.63 6.34
N SER A 238 6.82 6.01 6.51
CA SER A 238 6.39 6.96 7.51
C SER A 238 5.80 6.24 8.72
N PRO A 239 5.72 6.92 9.87
CA PRO A 239 5.06 6.29 11.03
C PRO A 239 3.58 5.99 10.80
N GLN A 240 2.97 6.60 9.79
CA GLN A 240 1.57 6.30 9.45
C GLN A 240 1.42 4.90 8.87
N ALA A 241 2.52 4.21 8.60
CA ALA A 241 2.51 2.83 8.12
C ALA A 241 3.17 1.89 9.11
N SER A 242 3.08 2.19 10.41
CA SER A 242 3.89 1.48 11.40
C SER A 242 3.48 0.03 11.58
N MET A 243 2.34 -0.39 11.05
CA MET A 243 1.95 -1.80 11.14
C MET A 243 2.01 -2.51 9.79
N ILE A 244 2.63 -1.89 8.80
CA ILE A 244 2.71 -2.46 7.46
C ILE A 244 4.12 -3.00 7.26
N THR A 245 4.25 -4.32 7.11
CA THR A 245 5.57 -4.88 6.87
C THR A 245 5.42 -6.19 6.11
N GLY A 246 6.40 -6.47 5.26
CA GLY A 246 6.42 -7.68 4.46
C GLY A 246 5.64 -7.61 3.16
N VAL A 247 5.04 -6.47 2.85
CA VAL A 247 4.19 -6.33 1.69
C VAL A 247 5.02 -5.91 0.48
N ALA A 248 4.51 -6.23 -0.71
CA ALA A 248 5.01 -5.69 -1.96
C ALA A 248 3.84 -4.97 -2.61
N LEU A 249 3.85 -3.64 -2.58
CA LEU A 249 2.72 -2.84 -3.03
C LEU A 249 2.89 -2.50 -4.50
N ASP A 250 1.94 -2.96 -5.33
CA ASP A 250 1.97 -2.63 -6.76
C ASP A 250 1.54 -1.17 -6.96
N VAL A 251 2.37 -0.40 -7.64
CA VAL A 251 2.05 0.97 -8.01
C VAL A 251 2.17 0.99 -9.54
N ASP A 252 1.05 0.65 -10.22
CA ASP A 252 1.18 0.25 -11.61
C ASP A 252 -0.02 0.59 -12.49
N GLY A 253 -0.92 1.47 -12.05
CA GLY A 253 -2.08 1.78 -12.88
C GLY A 253 -2.96 0.60 -13.19
N GLY A 254 -2.85 -0.49 -12.42
CA GLY A 254 -3.62 -1.69 -12.66
C GLY A 254 -2.95 -2.73 -13.53
N ARG A 255 -1.69 -2.54 -13.92
CA ARG A 255 -1.07 -3.47 -14.86
C ARG A 255 -0.99 -4.89 -14.33
N SER A 256 -0.82 -5.06 -13.02
CA SER A 256 -0.61 -6.41 -12.48
C SER A 256 -1.91 -7.18 -12.26
N ILE A 257 -3.05 -6.55 -12.45
CA ILE A 257 -4.32 -7.23 -12.23
C ILE A 257 -4.44 -8.47 -13.11
N SER B 7 -5.88 16.89 1.62
CA SER B 7 -5.66 15.66 0.86
C SER B 7 -6.98 15.01 0.47
N LEU B 8 -7.89 14.91 1.46
CA LEU B 8 -9.26 14.51 1.19
C LEU B 8 -10.21 15.69 1.23
N GLU B 9 -9.69 16.91 1.17
CA GLU B 9 -10.54 18.09 1.17
C GLU B 9 -11.49 18.06 -0.03
N GLY B 10 -12.74 18.44 0.22
CA GLY B 10 -13.75 18.45 -0.82
C GLY B 10 -14.37 17.10 -1.14
N LYS B 11 -13.78 16.00 -0.69
CA LYS B 11 -14.33 14.69 -1.03
C LYS B 11 -15.47 14.31 -0.09
N VAL B 12 -16.37 13.45 -0.59
CA VAL B 12 -17.46 12.87 0.18
C VAL B 12 -17.24 11.36 0.17
N ALA B 13 -17.14 10.77 1.36
CA ALA B 13 -16.95 9.33 1.49
C ALA B 13 -18.18 8.72 2.15
N LEU B 14 -18.74 7.69 1.53
CA LEU B 14 -19.77 6.87 2.15
C LEU B 14 -19.09 5.64 2.72
N ILE B 15 -19.21 5.43 4.03
CA ILE B 15 -18.51 4.34 4.70
C ILE B 15 -19.56 3.45 5.36
N THR B 16 -19.67 2.21 4.90
CA THR B 16 -20.58 1.28 5.56
C THR B 16 -19.93 0.71 6.83
N GLY B 17 -20.77 0.40 7.81
CA GLY B 17 -20.25 -0.10 9.07
C GLY B 17 -19.49 0.93 9.87
N ALA B 18 -19.73 2.21 9.63
CA ALA B 18 -18.96 3.25 10.30
C ALA B 18 -19.51 3.63 11.67
N GLY B 19 -20.51 2.89 12.19
CA GLY B 19 -20.94 3.17 13.54
C GLY B 19 -20.11 2.52 14.63
N SER B 20 -18.99 1.87 14.28
CA SER B 20 -18.23 1.08 15.23
C SER B 20 -16.86 0.77 14.62
N GLY B 21 -15.89 0.47 15.50
CA GLY B 21 -14.67 -0.25 15.10
C GLY B 21 -13.86 0.44 14.01
N PHE B 22 -13.38 -0.38 13.04
CA PHE B 22 -12.57 0.13 11.95
C PHE B 22 -13.30 1.22 11.16
N GLY B 23 -14.59 0.99 10.90
CA GLY B 23 -15.34 1.96 10.12
C GLY B 23 -15.44 3.30 10.81
N GLU B 24 -15.66 3.29 12.13
CA GLU B 24 -15.68 4.53 12.90
C GLU B 24 -14.32 5.23 12.83
N GLY B 25 -13.24 4.46 12.95
CA GLY B 25 -11.91 5.06 12.87
C GLY B 25 -11.64 5.70 11.52
N MET B 26 -12.07 5.06 10.44
CA MET B 26 -11.90 5.64 9.11
C MET B 26 -12.74 6.91 8.94
N ALA B 27 -14.00 6.87 9.40
CA ALA B 27 -14.83 8.07 9.28
C ALA B 27 -14.20 9.24 10.01
N LYS B 28 -13.71 9.02 11.24
CA LYS B 28 -13.12 10.11 12.00
C LYS B 28 -11.85 10.60 11.34
N ARG B 29 -11.02 9.67 10.83
CA ARG B 29 -9.77 10.07 10.17
C ARG B 29 -10.04 10.82 8.88
N PHE B 30 -10.98 10.33 8.06
CA PHE B 30 -11.31 11.00 6.81
C PHE B 30 -11.79 12.43 7.08
N ALA B 31 -12.68 12.60 8.07
CA ALA B 31 -13.18 13.94 8.37
C ALA B 31 -12.06 14.86 8.86
N LYS B 32 -11.14 14.32 9.67
CA LYS B 32 -10.00 15.14 10.07
C LYS B 32 -9.16 15.56 8.88
N GLY B 33 -9.24 14.82 7.78
CA GLY B 33 -8.59 15.16 6.54
C GLY B 33 -9.40 16.02 5.60
N GLY B 34 -10.58 16.49 6.02
CA GLY B 34 -11.37 17.41 5.24
C GLY B 34 -12.52 16.81 4.46
N ALA B 35 -12.77 15.53 4.58
CA ALA B 35 -13.84 14.90 3.84
C ALA B 35 -15.17 15.04 4.57
N LYS B 36 -16.26 15.08 3.79
CA LYS B 36 -17.58 14.81 4.33
C LYS B 36 -17.76 13.30 4.38
N VAL B 37 -18.45 12.82 5.40
CA VAL B 37 -18.56 11.37 5.59
C VAL B 37 -20.02 11.01 5.82
N VAL B 38 -20.47 9.97 5.15
CA VAL B 38 -21.81 9.42 5.34
C VAL B 38 -21.62 8.12 6.13
N ILE B 39 -22.11 8.11 7.36
CA ILE B 39 -21.94 7.01 8.30
CA ILE B 39 -21.91 6.98 8.26
C ILE B 39 -23.12 6.06 8.10
N VAL B 40 -22.92 4.96 7.37
CA VAL B 40 -24.00 4.04 7.04
C VAL B 40 -23.87 2.79 7.91
N ASP B 41 -24.88 2.50 8.73
CA ASP B 41 -24.74 1.37 9.64
C ASP B 41 -26.13 0.87 10.00
N ARG B 42 -26.25 -0.44 10.20
CA ARG B 42 -27.51 -1.00 10.70
C ARG B 42 -27.76 -0.59 12.14
N ASP B 43 -26.70 -0.26 12.88
CA ASP B 43 -26.74 0.21 14.26
C ASP B 43 -27.02 1.70 14.22
N LYS B 44 -28.30 2.05 14.31
CA LYS B 44 -28.71 3.45 14.21
C LYS B 44 -28.06 4.27 15.30
N ALA B 45 -28.01 3.75 16.53
CA ALA B 45 -27.43 4.51 17.62
C ALA B 45 -25.93 4.72 17.41
N GLY B 46 -25.24 3.68 16.94
CA GLY B 46 -23.81 3.82 16.68
C GLY B 46 -23.54 4.83 15.59
N ALA B 47 -24.30 4.76 14.48
CA ALA B 47 -24.12 5.73 13.41
C ALA B 47 -24.35 7.15 13.90
N GLU B 48 -25.40 7.35 14.69
CA GLU B 48 -25.70 8.68 15.21
C GLU B 48 -24.62 9.16 16.17
N ARG B 49 -24.10 8.25 17.00
CA ARG B 49 -23.05 8.65 17.93
C ARG B 49 -21.81 9.12 17.17
N VAL B 50 -21.35 8.32 16.21
CA VAL B 50 -20.15 8.68 15.46
C VAL B 50 -20.37 9.97 14.69
N ALA B 51 -21.51 10.09 14.02
CA ALA B 51 -21.80 11.34 13.30
C ALA B 51 -21.83 12.53 14.24
N GLY B 52 -22.37 12.35 15.45
CA GLY B 52 -22.41 13.44 16.40
C GLY B 52 -21.03 13.83 16.92
N GLU B 53 -20.13 12.85 17.04
CA GLU B 53 -18.78 13.16 17.51
C GLU B 53 -17.97 13.89 16.44
N ILE B 54 -18.25 13.60 15.17
CA ILE B 54 -17.52 14.25 14.09
C ILE B 54 -18.05 15.66 13.86
N GLY B 55 -19.37 15.84 13.91
CA GLY B 55 -19.98 17.14 13.72
C GLY B 55 -20.66 17.29 12.38
N ASP B 56 -20.76 18.53 11.89
CA ASP B 56 -21.53 18.84 10.69
C ASP B 56 -20.96 18.22 9.42
N ALA B 57 -19.73 17.73 9.43
CA ALA B 57 -19.19 17.05 8.26
C ALA B 57 -19.72 15.64 8.09
N ALA B 58 -20.48 15.12 9.05
CA ALA B 58 -20.92 13.73 9.03
C ALA B 58 -22.44 13.65 8.97
N LEU B 59 -22.96 12.68 8.23
CA LEU B 59 -24.38 12.36 8.20
C LEU B 59 -24.55 10.91 8.62
N ALA B 60 -25.44 10.68 9.58
CA ALA B 60 -25.73 9.31 9.99
C ALA B 60 -26.86 8.74 9.15
N VAL B 61 -26.69 7.48 8.72
CA VAL B 61 -27.71 6.81 7.92
C VAL B 61 -27.90 5.40 8.45
N ALA B 62 -29.10 5.09 8.95
CA ALA B 62 -29.43 3.75 9.40
C ALA B 62 -29.85 2.92 8.19
N ALA B 63 -29.12 1.85 7.90
CA ALA B 63 -29.41 1.04 6.72
C ALA B 63 -28.86 -0.36 6.92
N ASP B 64 -29.62 -1.35 6.48
CA ASP B 64 -29.15 -2.74 6.42
C ASP B 64 -28.71 -2.97 4.97
N ILE B 65 -27.40 -3.01 4.74
CA ILE B 65 -26.89 -2.95 3.37
C ILE B 65 -27.07 -4.30 2.68
N SER B 66 -27.61 -5.30 3.39
CA SER B 66 -27.95 -6.57 2.74
C SER B 66 -29.25 -6.48 1.96
N LYS B 67 -30.00 -5.38 2.10
CA LYS B 67 -31.30 -5.23 1.47
C LYS B 67 -31.24 -4.11 0.44
N GLU B 68 -31.80 -4.40 -0.74
CA GLU B 68 -31.71 -3.46 -1.85
C GLU B 68 -32.35 -2.12 -1.52
N ALA B 69 -33.53 -2.15 -0.88
CA ALA B 69 -34.22 -0.90 -0.57
C ALA B 69 -33.44 -0.04 0.43
N ASP B 70 -32.72 -0.66 1.36
CA ASP B 70 -31.94 0.11 2.32
C ASP B 70 -30.74 0.77 1.65
N VAL B 71 -30.14 0.07 0.68
CA VAL B 71 -29.01 0.62 -0.05
C VAL B 71 -29.46 1.81 -0.88
N ASP B 72 -30.59 1.67 -1.58
CA ASP B 72 -31.12 2.77 -2.38
C ASP B 72 -31.35 4.00 -1.52
N ALA B 73 -31.92 3.80 -0.33
CA ALA B 73 -32.21 4.91 0.56
C ALA B 73 -30.93 5.56 1.06
N ALA B 74 -29.90 4.74 1.32
CA ALA B 74 -28.65 5.28 1.83
C ALA B 74 -27.96 6.13 0.79
N VAL B 75 -27.97 5.69 -0.47
CA VAL B 75 -27.31 6.44 -1.53
C VAL B 75 -28.07 7.74 -1.81
N GLU B 76 -29.41 7.68 -1.79
CA GLU B 76 -30.20 8.91 -1.94
C GLU B 76 -29.93 9.88 -0.82
N ALA B 77 -29.86 9.39 0.43
CA ALA B 77 -29.60 10.26 1.56
C ALA B 77 -28.23 10.92 1.44
N ALA B 78 -27.23 10.16 0.97
CA ALA B 78 -25.90 10.72 0.80
C ALA B 78 -25.88 11.78 -0.30
N LEU B 79 -26.52 11.50 -1.43
CA LEU B 79 -26.52 12.45 -2.53
C LEU B 79 -27.35 13.69 -2.19
N SER B 80 -28.47 13.51 -1.51
CA SER B 80 -29.28 14.67 -1.12
C SER B 80 -28.50 15.59 -0.19
N LYS B 81 -27.77 15.01 0.76
CA LYS B 81 -27.10 15.81 1.78
C LYS B 81 -25.87 16.51 1.22
N PHE B 82 -25.02 15.79 0.49
CA PHE B 82 -23.74 16.32 0.05
C PHE B 82 -23.59 16.50 -1.45
N GLY B 83 -24.58 16.10 -2.25
CA GLY B 83 -24.57 16.36 -3.68
C GLY B 83 -23.76 15.39 -4.52
N LYS B 84 -22.79 14.70 -3.94
CA LYS B 84 -22.00 13.74 -4.68
C LYS B 84 -21.43 12.74 -3.68
N VAL B 85 -20.92 11.62 -4.21
CA VAL B 85 -20.07 10.71 -3.45
C VAL B 85 -18.82 10.46 -4.28
N ASP B 86 -17.66 10.65 -3.66
CA ASP B 86 -16.36 10.46 -4.29
C ASP B 86 -15.71 9.14 -3.93
N ILE B 87 -16.03 8.62 -2.74
CA ILE B 87 -15.34 7.49 -2.14
C ILE B 87 -16.40 6.58 -1.53
N LEU B 88 -16.33 5.29 -1.85
CA LEU B 88 -17.14 4.29 -1.17
C LEU B 88 -16.20 3.38 -0.40
N VAL B 89 -16.45 3.21 0.90
CA VAL B 89 -15.68 2.27 1.72
C VAL B 89 -16.63 1.17 2.12
N ASN B 90 -16.42 -0.04 1.58
CA ASN B 90 -17.25 -1.21 1.93
C ASN B 90 -16.60 -1.86 3.13
N ASN B 91 -17.01 -1.43 4.33
CA ASN B 91 -16.40 -1.90 5.56
C ASN B 91 -17.34 -2.74 6.42
N ALA B 92 -18.66 -2.63 6.25
CA ALA B 92 -19.58 -3.41 7.07
C ALA B 92 -19.32 -4.90 6.90
N GLY B 93 -19.44 -5.62 8.00
CA GLY B 93 -19.22 -7.06 7.95
C GLY B 93 -19.66 -7.71 9.24
N ILE B 94 -19.94 -9.01 9.13
CA ILE B 94 -20.21 -9.84 10.30
C ILE B 94 -19.42 -11.14 10.14
N GLY B 95 -19.30 -11.87 11.24
CA GLY B 95 -18.64 -13.15 11.17
C GLY B 95 -19.45 -14.26 11.82
N HIS B 96 -18.80 -15.38 12.12
CA HIS B 96 -19.38 -16.39 13.00
C HIS B 96 -18.36 -16.73 14.06
N LYS B 97 -18.83 -17.21 15.21
CA LYS B 97 -17.90 -17.63 16.24
C LYS B 97 -17.02 -18.75 15.68
N PRO B 98 -15.77 -18.85 16.13
CA PRO B 98 -14.91 -19.94 15.64
C PRO B 98 -15.52 -21.29 15.99
N GLN B 99 -15.52 -22.20 15.01
CA GLN B 99 -16.13 -23.50 15.19
C GLN B 99 -15.83 -24.33 13.96
N ASN B 100 -16.02 -25.65 14.10
CA ASN B 100 -15.83 -26.55 12.96
C ASN B 100 -16.75 -26.12 11.82
N ALA B 101 -16.19 -26.08 10.60
CA ALA B 101 -16.92 -25.51 9.47
C ALA B 101 -18.29 -26.14 9.32
N GLU B 102 -18.38 -27.46 9.44
CA GLU B 102 -19.63 -28.14 9.16
C GLU B 102 -20.69 -27.87 10.22
N LEU B 103 -20.37 -27.13 11.27
CA LEU B 103 -21.34 -26.82 12.32
C LEU B 103 -22.07 -25.50 12.11
N VAL B 104 -21.63 -24.70 11.15
CA VAL B 104 -22.32 -23.44 10.83
C VAL B 104 -23.51 -23.77 9.93
N GLU B 105 -24.71 -23.44 10.39
CA GLU B 105 -25.91 -23.91 9.71
C GLU B 105 -26.33 -22.93 8.61
N PRO B 106 -27.17 -23.38 7.66
CA PRO B 106 -27.44 -22.52 6.48
C PRO B 106 -27.99 -21.15 6.81
N GLU B 107 -28.80 -21.03 7.87
CA GLU B 107 -29.36 -19.73 8.21
C GLU B 107 -28.25 -18.73 8.53
N GLU B 108 -27.26 -19.15 9.31
CA GLU B 108 -26.16 -18.25 9.66
C GLU B 108 -25.24 -18.03 8.48
N PHE B 109 -24.95 -19.10 7.72
CA PHE B 109 -24.14 -18.95 6.51
C PHE B 109 -24.75 -17.91 5.58
N ASP B 110 -26.06 -18.01 5.34
CA ASP B 110 -26.70 -17.09 4.43
C ASP B 110 -26.61 -15.66 4.93
N ARG B 111 -26.77 -15.45 6.24
CA ARG B 111 -26.70 -14.09 6.77
C ARG B 111 -25.34 -13.47 6.54
N ILE B 112 -24.27 -14.26 6.74
CA ILE B 112 -22.92 -13.75 6.56
C ILE B 112 -22.69 -13.39 5.09
N VAL B 113 -23.16 -14.24 4.17
CA VAL B 113 -23.06 -13.89 2.76
C VAL B 113 -23.89 -12.64 2.45
N GLY B 114 -25.06 -12.52 3.06
CA GLY B 114 -25.89 -11.35 2.80
C GLY B 114 -25.16 -10.04 3.08
N VAL B 115 -24.43 -9.98 4.19
CA VAL B 115 -23.75 -8.73 4.54
C VAL B 115 -22.44 -8.59 3.76
N ASN B 116 -21.58 -9.61 3.86
CA ASN B 116 -20.19 -9.50 3.42
C ASN B 116 -20.04 -9.59 1.91
N VAL B 117 -21.01 -10.21 1.23
CA VAL B 117 -20.96 -10.45 -0.20
C VAL B 117 -22.04 -9.62 -0.86
N ARG B 118 -23.31 -9.93 -0.57
CA ARG B 118 -24.40 -9.22 -1.23
C ARG B 118 -24.36 -7.73 -0.91
N GLY B 119 -24.02 -7.37 0.33
CA GLY B 119 -23.98 -5.97 0.70
C GLY B 119 -22.98 -5.18 -0.12
N VAL B 120 -21.80 -5.76 -0.34
CA VAL B 120 -20.79 -5.11 -1.17
C VAL B 120 -21.29 -4.98 -2.61
N TYR B 121 -21.93 -6.04 -3.13
CA TYR B 121 -22.44 -5.99 -4.49
C TYR B 121 -23.51 -4.91 -4.64
N LEU B 122 -24.42 -4.83 -3.66
CA LEU B 122 -25.50 -3.85 -3.76
C LEU B 122 -24.95 -2.42 -3.67
N MET B 123 -24.10 -2.16 -2.67
CA MET B 123 -23.60 -0.79 -2.50
C MET B 123 -22.78 -0.37 -3.70
N THR B 124 -21.91 -1.27 -4.18
CA THR B 124 -21.04 -0.93 -5.30
C THR B 124 -21.83 -0.76 -6.59
N ARG B 125 -22.77 -1.68 -6.85
CA ARG B 125 -23.57 -1.59 -8.07
C ARG B 125 -24.41 -0.31 -8.06
N LYS B 126 -24.89 0.10 -6.89
CA LYS B 126 -25.75 1.28 -6.81
CA LYS B 126 -25.75 1.28 -6.83
C LYS B 126 -24.97 2.57 -7.03
N LEU B 127 -23.67 2.58 -6.73
CA LEU B 127 -22.89 3.80 -6.86
C LEU B 127 -22.06 3.90 -8.13
N ILE B 128 -21.83 2.78 -8.84
CA ILE B 128 -21.02 2.82 -10.06
C ILE B 128 -21.54 3.83 -11.08
N PRO B 129 -22.84 3.90 -11.38
CA PRO B 129 -23.28 4.90 -12.38
C PRO B 129 -22.97 6.32 -11.96
N HIS B 130 -23.16 6.65 -10.67
CA HIS B 130 -22.75 7.97 -10.17
C HIS B 130 -21.26 8.18 -10.35
N PHE B 131 -20.46 7.19 -9.95
CA PHE B 131 -19.01 7.28 -10.09
C PHE B 131 -18.60 7.48 -11.55
N LYS B 132 -19.26 6.77 -12.48
CA LYS B 132 -18.95 6.97 -13.89
C LYS B 132 -19.29 8.38 -14.34
N GLU B 133 -20.45 8.90 -13.92
CA GLU B 133 -20.77 10.31 -14.15
C GLU B 133 -19.65 11.22 -13.66
N ASN B 134 -19.21 11.02 -12.42
CA ASN B 134 -18.15 11.85 -11.86
C ASN B 134 -16.86 11.70 -12.67
N GLY B 135 -16.54 10.47 -13.07
CA GLY B 135 -15.39 10.26 -13.92
C GLY B 135 -15.48 11.05 -15.22
N ALA B 136 -16.67 11.08 -15.83
CA ALA B 136 -16.85 11.84 -17.07
C ALA B 136 -16.58 13.32 -16.86
N LYS B 137 -16.78 13.82 -15.66
CA LYS B 137 -16.48 15.22 -15.35
C LYS B 137 -15.04 15.43 -14.93
N GLY B 138 -14.21 14.38 -14.97
CA GLY B 138 -12.82 14.50 -14.59
C GLY B 138 -12.53 14.36 -13.11
N GLN B 139 -13.48 13.82 -12.33
CA GLN B 139 -13.31 13.64 -10.89
C GLN B 139 -13.07 12.15 -10.60
N GLU B 140 -11.85 11.81 -10.18
CA GLU B 140 -11.53 10.42 -9.84
C GLU B 140 -12.33 9.97 -8.63
N CYS B 141 -12.85 8.74 -8.69
CA CYS B 141 -13.53 8.12 -7.57
C CYS B 141 -12.77 6.89 -7.11
N VAL B 142 -13.04 6.45 -5.88
CA VAL B 142 -12.33 5.31 -5.31
C VAL B 142 -13.32 4.43 -4.56
N ILE B 143 -13.22 3.13 -4.78
CA ILE B 143 -13.91 2.11 -3.99
C ILE B 143 -12.87 1.38 -3.16
N LEU B 144 -13.03 1.37 -1.85
CA LEU B 144 -12.11 0.70 -0.94
C LEU B 144 -12.88 -0.37 -0.19
N ASN B 145 -12.42 -1.61 -0.30
CA ASN B 145 -13.11 -2.75 0.32
C ASN B 145 -12.26 -3.26 1.47
N VAL B 146 -12.90 -3.52 2.61
CA VAL B 146 -12.17 -4.08 3.76
C VAL B 146 -12.34 -5.58 3.71
N ALA B 147 -11.23 -6.29 3.57
CA ALA B 147 -11.24 -7.74 3.54
C ALA B 147 -10.66 -8.27 4.84
N SER B 148 -9.61 -9.10 4.77
CA SER B 148 -9.04 -9.69 5.98
C SER B 148 -7.80 -10.47 5.59
N THR B 149 -6.85 -10.58 6.54
CA THR B 149 -5.74 -11.50 6.30
C THR B 149 -6.22 -12.93 6.17
N GLY B 150 -7.40 -13.25 6.70
CA GLY B 150 -7.91 -14.60 6.60
C GLY B 150 -8.34 -14.99 5.20
N ALA B 151 -8.56 -14.00 4.33
CA ALA B 151 -8.93 -14.29 2.94
C ALA B 151 -7.89 -15.18 2.26
N GLY B 152 -6.62 -14.87 2.46
CA GLY B 152 -5.54 -15.61 1.83
C GLY B 152 -4.65 -16.35 2.81
N ARG B 153 -4.72 -16.01 4.10
CA ARG B 153 -3.92 -16.67 5.14
C ARG B 153 -4.82 -17.12 6.28
N PRO B 154 -5.72 -18.06 6.04
CA PRO B 154 -6.64 -18.49 7.10
C PRO B 154 -5.96 -19.34 8.15
N ARG B 155 -6.47 -19.24 9.37
CA ARG B 155 -6.28 -20.22 10.42
C ARG B 155 -7.60 -20.98 10.59
N PRO B 156 -7.56 -22.17 11.19
CA PRO B 156 -8.80 -22.98 11.29
C PRO B 156 -9.93 -22.26 12.04
N ASN B 157 -11.16 -22.68 11.70
CA ASN B 157 -12.39 -22.43 12.45
C ASN B 157 -13.13 -21.16 12.06
N LEU B 158 -12.68 -20.45 11.02
CA LEU B 158 -13.43 -19.30 10.50
C LEU B 158 -13.68 -19.45 9.01
N ALA B 159 -13.98 -20.69 8.58
CA ALA B 159 -13.92 -21.02 7.17
C ALA B 159 -14.84 -20.15 6.32
N TRP B 160 -16.12 -20.06 6.71
CA TRP B 160 -17.07 -19.37 5.84
C TRP B 160 -16.91 -17.86 5.91
N TYR B 161 -16.51 -17.35 7.07
CA TYR B 161 -16.19 -15.93 7.15
C TYR B 161 -14.99 -15.60 6.26
N ASN B 162 -13.91 -16.36 6.40
CA ASN B 162 -12.71 -16.08 5.61
C ASN B 162 -13.01 -16.13 4.12
N ALA B 163 -13.86 -17.08 3.70
CA ALA B 163 -14.16 -17.17 2.27
C ALA B 163 -14.88 -15.93 1.75
N THR B 164 -15.79 -15.34 2.54
CA THR B 164 -16.40 -14.11 2.05
C THR B 164 -15.36 -13.02 1.86
N LYS B 165 -14.29 -13.03 2.66
CA LYS B 165 -13.26 -12.01 2.47
C LYS B 165 -12.38 -12.32 1.26
N GLY B 166 -12.23 -13.60 0.93
CA GLY B 166 -11.64 -13.95 -0.37
C GLY B 166 -12.50 -13.47 -1.54
N TRP B 167 -13.82 -13.56 -1.41
CA TRP B 167 -14.70 -12.98 -2.42
C TRP B 167 -14.42 -11.49 -2.57
N VAL B 168 -14.21 -10.80 -1.45
CA VAL B 168 -13.98 -9.35 -1.49
C VAL B 168 -12.66 -9.01 -2.18
N VAL B 169 -11.61 -9.76 -1.88
CA VAL B 169 -10.33 -9.51 -2.54
C VAL B 169 -10.47 -9.72 -4.05
N SER B 170 -11.19 -10.76 -4.43
CA SER B 170 -11.33 -11.10 -5.85
C SER B 170 -12.17 -10.07 -6.57
N VAL B 171 -13.27 -9.60 -5.96
CA VAL B 171 -14.12 -8.64 -6.63
C VAL B 171 -13.39 -7.29 -6.74
N THR B 172 -12.47 -7.02 -5.80
CA THR B 172 -11.65 -5.82 -5.90
C THR B 172 -10.84 -5.84 -7.19
N LYS B 173 -10.17 -6.95 -7.47
CA LYS B 173 -9.41 -7.06 -8.72
C LYS B 173 -10.32 -6.96 -9.94
N ALA B 174 -11.45 -7.68 -9.93
CA ALA B 174 -12.32 -7.68 -11.11
C ALA B 174 -12.86 -6.29 -11.41
N LEU B 175 -13.37 -5.62 -10.37
CA LEU B 175 -13.93 -4.28 -10.59
C LEU B 175 -12.85 -3.28 -10.94
N ALA B 176 -11.64 -3.44 -10.39
CA ALA B 176 -10.57 -2.51 -10.71
C ALA B 176 -10.22 -2.54 -12.19
N ILE B 177 -10.08 -3.73 -12.76
CA ILE B 177 -9.66 -3.76 -14.16
C ILE B 177 -10.78 -3.27 -15.06
N GLU B 178 -12.03 -3.50 -14.68
CA GLU B 178 -13.16 -3.05 -15.49
C GLU B 178 -13.35 -1.54 -15.39
N LEU B 179 -13.19 -0.98 -14.19
CA LEU B 179 -13.57 0.42 -13.96
C LEU B 179 -12.43 1.42 -14.15
N ALA B 180 -11.19 0.94 -14.24
CA ALA B 180 -10.05 1.85 -14.41
C ALA B 180 -10.21 2.86 -15.54
N PRO B 181 -10.66 2.48 -16.74
CA PRO B 181 -10.83 3.50 -17.79
C PRO B 181 -11.94 4.50 -17.52
N ALA B 182 -12.81 4.24 -16.54
CA ALA B 182 -13.81 5.22 -16.12
C ALA B 182 -13.29 6.13 -15.02
N LYS B 183 -12.00 6.09 -14.73
CA LYS B 183 -11.37 6.89 -13.68
C LYS B 183 -11.87 6.52 -12.29
N ILE B 184 -12.18 5.24 -12.09
CA ILE B 184 -12.58 4.71 -10.79
C ILE B 184 -11.52 3.72 -10.35
N ARG B 185 -10.87 3.99 -9.22
CA ARG B 185 -9.93 3.03 -8.66
C ARG B 185 -10.66 2.13 -7.67
N VAL B 186 -10.21 0.89 -7.57
CA VAL B 186 -10.82 -0.08 -6.67
C VAL B 186 -9.71 -0.80 -5.93
N VAL B 187 -9.70 -0.70 -4.61
CA VAL B 187 -8.62 -1.24 -3.79
C VAL B 187 -9.21 -1.90 -2.54
N ALA B 188 -8.36 -2.68 -1.87
CA ALA B 188 -8.76 -3.43 -0.69
C ALA B 188 -7.69 -3.30 0.38
N LEU B 189 -8.12 -3.42 1.63
CA LEU B 189 -7.20 -3.56 2.76
C LEU B 189 -7.45 -4.91 3.39
N ASN B 190 -6.37 -5.58 3.80
CA ASN B 190 -6.45 -6.84 4.55
C ASN B 190 -5.96 -6.58 5.97
N PRO B 191 -6.85 -6.22 6.89
CA PRO B 191 -6.43 -6.07 8.29
C PRO B 191 -6.30 -7.40 9.01
N VAL B 192 -5.44 -7.39 10.03
CA VAL B 192 -5.35 -8.48 11.00
C VAL B 192 -6.26 -8.12 12.16
N ALA B 193 -6.44 -9.05 13.09
CA ALA B 193 -7.18 -8.86 14.33
C ALA B 193 -6.93 -7.48 14.93
N GLY B 194 -8.01 -6.71 15.06
CA GLY B 194 -7.91 -5.36 15.57
C GLY B 194 -8.77 -5.12 16.79
N GLU B 195 -8.42 -4.09 17.57
CA GLU B 195 -9.17 -3.76 18.77
C GLU B 195 -10.50 -3.12 18.38
N THR B 196 -11.50 -3.94 18.10
CA THR B 196 -12.85 -3.48 17.77
C THR B 196 -13.83 -4.35 18.52
N PRO B 197 -15.10 -3.90 18.64
CA PRO B 197 -16.11 -4.75 19.31
C PRO B 197 -16.31 -6.11 18.68
N LEU B 198 -16.00 -6.28 17.38
CA LEU B 198 -16.15 -7.58 16.73
C LEU B 198 -15.01 -8.54 17.06
N LEU B 199 -13.91 -8.05 17.65
CA LEU B 199 -12.77 -8.92 17.94
C LEU B 199 -13.15 -10.07 18.86
N THR B 200 -14.04 -9.83 19.83
CA THR B 200 -14.42 -10.90 20.75
C THR B 200 -15.14 -12.04 20.03
N THR B 201 -15.78 -11.75 18.90
CA THR B 201 -16.43 -12.80 18.13
C THR B 201 -15.41 -13.72 17.48
N PHE B 202 -14.42 -13.14 16.79
CA PHE B 202 -13.37 -13.94 16.14
C PHE B 202 -12.53 -14.69 17.15
N MET B 203 -12.48 -14.24 18.40
CA MET B 203 -11.83 -14.98 19.47
C MET B 203 -12.83 -15.95 20.11
N LYS B 213 -1.99 -14.59 22.52
CA LYS B 213 -2.20 -15.67 21.55
C LYS B 213 -2.38 -15.11 20.15
N PHE B 214 -3.37 -14.22 19.98
CA PHE B 214 -3.46 -13.47 18.74
C PHE B 214 -2.22 -12.61 18.53
N ARG B 215 -1.74 -11.97 19.61
CA ARG B 215 -0.53 -11.15 19.51
C ARG B 215 0.69 -11.98 19.13
N ASP B 216 0.74 -13.25 19.57
CA ASP B 216 1.85 -14.11 19.21
C ASP B 216 1.97 -14.30 17.70
N SER B 217 0.86 -14.29 16.98
CA SER B 217 0.89 -14.53 15.54
C SER B 217 1.23 -13.26 14.75
N ILE B 218 1.42 -12.13 15.41
CA ILE B 218 1.69 -10.86 14.75
C ILE B 218 3.16 -10.50 14.99
N PRO B 219 4.00 -10.54 13.97
CA PRO B 219 5.43 -10.27 14.19
C PRO B 219 5.74 -8.90 14.76
N MET B 220 4.97 -7.86 14.39
CA MET B 220 5.23 -6.52 14.94
C MET B 220 4.89 -6.43 16.42
N GLY B 221 4.13 -7.40 16.95
CA GLY B 221 4.01 -7.55 18.38
C GLY B 221 2.80 -6.92 19.04
N ARG B 222 1.86 -6.37 18.28
CA ARG B 222 0.68 -5.78 18.88
C ARG B 222 -0.51 -5.94 17.95
N LEU B 223 -1.71 -5.83 18.53
CA LEU B 223 -2.92 -5.85 17.74
C LEU B 223 -3.03 -4.58 16.91
N LEU B 224 -3.82 -4.66 15.85
CA LEU B 224 -4.06 -3.51 14.99
C LEU B 224 -5.04 -2.57 15.69
N LYS B 225 -4.81 -1.27 15.54
CA LYS B 225 -5.75 -0.29 16.08
C LYS B 225 -6.51 0.37 14.93
N PRO B 226 -7.75 0.82 15.16
CA PRO B 226 -8.47 1.48 14.07
C PRO B 226 -7.69 2.60 13.41
N ASP B 227 -6.89 3.34 14.19
CA ASP B 227 -6.13 4.44 13.61
C ASP B 227 -5.07 3.95 12.63
N ASP B 228 -4.46 2.78 12.89
CA ASP B 228 -3.53 2.19 11.93
C ASP B 228 -4.20 1.96 10.59
N LEU B 229 -5.33 1.25 10.59
CA LEU B 229 -6.02 0.96 9.33
C LEU B 229 -6.49 2.25 8.67
N ALA B 230 -6.93 3.21 9.46
CA ALA B 230 -7.49 4.43 8.91
C ALA B 230 -6.45 5.22 8.13
N GLU B 231 -5.18 5.19 8.58
CA GLU B 231 -4.14 5.88 7.83
C GLU B 231 -3.92 5.24 6.47
N ALA B 232 -3.91 3.90 6.42
CA ALA B 232 -3.74 3.23 5.14
C ALA B 232 -4.93 3.50 4.22
N ALA B 233 -6.13 3.54 4.78
CA ALA B 233 -7.31 3.89 3.99
C ALA B 233 -7.22 5.30 3.46
N ALA B 234 -6.81 6.25 4.30
CA ALA B 234 -6.75 7.63 3.88
C ALA B 234 -5.74 7.82 2.76
N PHE B 235 -4.64 7.07 2.82
CA PHE B 235 -3.68 7.14 1.73
C PHE B 235 -4.27 6.60 0.43
N LEU B 236 -4.77 5.35 0.47
CA LEU B 236 -5.26 4.72 -0.75
C LEU B 236 -6.42 5.48 -1.37
N CYS B 237 -7.24 6.17 -0.57
CA CYS B 237 -8.39 6.90 -1.10
C CYS B 237 -8.05 8.31 -1.54
N SER B 238 -6.79 8.71 -1.45
CA SER B 238 -6.36 10.07 -1.72
C SER B 238 -5.75 10.20 -3.12
N PRO B 239 -5.63 11.42 -3.63
CA PRO B 239 -4.95 11.59 -4.93
C PRO B 239 -3.49 11.20 -4.89
N GLN B 240 -2.88 11.07 -3.71
CA GLN B 240 -1.50 10.61 -3.62
C GLN B 240 -1.36 9.14 -3.99
N ALA B 241 -2.47 8.43 -4.19
CA ALA B 241 -2.47 7.05 -4.63
C ALA B 241 -3.16 6.88 -5.99
N SER B 242 -3.09 7.91 -6.83
CA SER B 242 -3.90 7.93 -8.06
C SER B 242 -3.49 6.90 -9.09
N MET B 243 -2.36 6.21 -8.92
CA MET B 243 -1.97 5.14 -9.81
C MET B 243 -2.03 3.77 -9.15
N ILE B 244 -2.68 3.67 -7.99
CA ILE B 244 -2.78 2.42 -7.25
C ILE B 244 -4.21 1.93 -7.39
N THR B 245 -4.38 0.79 -8.06
CA THR B 245 -5.70 0.21 -8.22
C THR B 245 -5.56 -1.31 -8.36
N GLY B 246 -6.55 -2.03 -7.86
CA GLY B 246 -6.55 -3.48 -7.99
C GLY B 246 -5.78 -4.22 -6.93
N VAL B 247 -5.21 -3.53 -5.95
CA VAL B 247 -4.33 -4.13 -4.97
C VAL B 247 -5.13 -4.49 -3.73
N ALA B 248 -4.62 -5.46 -2.97
CA ALA B 248 -5.11 -5.78 -1.63
C ALA B 248 -3.93 -5.59 -0.68
N LEU B 249 -3.94 -4.50 0.09
CA LEU B 249 -2.80 -4.13 0.90
C LEU B 249 -2.96 -4.72 2.29
N ASP B 250 -2.02 -5.58 2.69
CA ASP B 250 -2.05 -6.14 4.03
C ASP B 250 -1.61 -5.08 5.03
N VAL B 251 -2.42 -4.87 6.06
CA VAL B 251 -2.08 -3.98 7.18
C VAL B 251 -2.20 -4.87 8.41
N ASP B 252 -1.12 -5.57 8.74
CA ASP B 252 -1.29 -6.74 9.60
C ASP B 252 -0.09 -7.02 10.50
N GLY B 253 0.82 -6.07 10.69
CA GLY B 253 1.97 -6.33 11.51
C GLY B 253 2.82 -7.50 11.06
N GLY B 254 2.70 -7.90 9.79
CA GLY B 254 3.46 -9.02 9.28
C GLY B 254 2.77 -10.36 9.38
N ARG B 255 1.51 -10.39 9.82
CA ARG B 255 0.82 -11.67 9.99
C ARG B 255 0.79 -12.50 8.71
N SER B 256 0.69 -11.86 7.55
CA SER B 256 0.46 -12.60 6.31
C SER B 256 1.73 -13.14 5.67
N ILE B 257 2.91 -12.74 6.15
CA ILE B 257 4.16 -13.23 5.59
C ILE B 257 4.25 -14.76 5.62
PA NAI C . 17.55 5.15 -13.56
O1A NAI C . 18.64 4.60 -14.47
O2A NAI C . 17.02 6.51 -14.03
O5B NAI C . 18.11 5.25 -12.02
C5B NAI C . 18.86 4.15 -11.54
C4B NAI C . 20.07 4.76 -10.75
O4B NAI C . 20.76 3.57 -9.98
C3B NAI C . 20.93 5.23 -11.58
O3B NAI C . 21.25 6.64 -11.30
C2B NAI C . 22.30 4.28 -11.43
O2B NAI C . 23.49 5.09 -11.68
C1B NAI C . 22.27 3.77 -10.26
N9A NAI C . 22.95 2.46 -10.35
C8A NAI C . 23.00 1.41 -11.16
N7A NAI C . 23.89 0.54 -10.67
C5A NAI C . 24.40 1.07 -9.55
C6A NAI C . 25.36 0.56 -8.69
N6A NAI C . 26.27 -0.61 -8.42
N1A NAI C . 25.73 1.27 -7.62
C2A NAI C . 25.16 2.49 -7.40
N3A NAI C . 24.20 2.99 -8.25
C4A NAI C . 23.84 2.27 -9.33
O3 NAI C . 16.34 4.03 -13.63
PN NAI C . 15.01 3.98 -12.72
O1N NAI C . 13.86 3.77 -13.68
O2N NAI C . 14.82 5.21 -11.90
O5D NAI C . 15.23 2.63 -11.72
C5D NAI C . 15.00 2.71 -10.32
C4D NAI C . 14.55 1.29 -9.85
O4D NAI C . 13.36 1.04 -10.35
C3D NAI C . 15.48 0.23 -10.40
O3D NAI C . 15.73 -0.73 -9.43
C2D NAI C . 14.67 -0.39 -11.54
O2D NAI C . 15.20 -1.77 -11.82
C1D NAI C . 13.47 -0.39 -11.04
N1N NAI C . 12.41 -0.45 -12.07
C2N NAI C . 12.39 0.51 -13.17
C3N NAI C . 11.18 0.57 -14.15
C7N NAI C . 11.15 1.66 -15.26
O7N NAI C . 10.40 1.55 -16.17
N7N NAI C . 12.05 2.84 -15.18
C4N NAI C . 10.03 -0.46 -14.05
C5N NAI C . 10.37 -1.68 -13.12
C6N NAI C . 11.35 -1.47 -11.96
PA NAI D . -17.53 -3.75 14.19
O1A NAI D . -18.68 -4.67 14.56
O2A NAI D . -16.95 -2.95 15.35
O5B NAI D . -18.02 -2.70 13.01
C5B NAI D . -18.78 -3.32 12.00
C4B NAI D . -20.02 -2.37 11.83
O4B NAI D . -20.66 -2.94 10.53
C3B NAI D . -20.86 -2.49 12.80
O3B NAI D . -21.18 -1.19 13.40
C2B NAI D . -22.22 -3.17 12.11
O2B NAI D . -23.43 -2.69 12.80
C1B NAI D . -22.16 -2.87 10.86
N9A NAI D . -22.85 -3.96 10.17
C8A NAI D . -22.91 -5.28 10.22
N7A NAI D . -23.82 -5.68 9.32
C5A NAI D . -24.32 -4.59 8.73
C6A NAI D . -25.27 -4.49 7.75
N6A NAI D . -26.17 -5.33 6.88
N1A NAI D . -25.62 -3.29 7.29
C2A NAI D . -25.03 -2.17 7.79
N3A NAI D . -24.07 -2.27 8.77
C4A NAI D . -23.73 -3.49 9.24
O3 NAI D . -16.39 -4.73 13.56
PN NAI D . -15.01 -4.31 12.84
O1N NAI D . -13.93 -5.10 13.53
O2N NAI D . -14.76 -2.83 12.85
O5D NAI D . -15.20 -4.79 11.24
C5D NAI D . -14.99 -3.88 10.19
C4D NAI D . -14.51 -4.72 8.96
O4D NAI D . -13.33 -5.25 9.23
C3D NAI D . -15.46 -5.89 8.79
O3D NAI D . -15.77 -6.07 7.46
C2D NAI D . -14.65 -7.10 9.31
O2D NAI D . -15.17 -8.34 8.67
C1D NAI D . -13.45 -6.80 8.93
N1N NAI D . -12.41 -7.49 9.71
C2N NAI D . -12.39 -7.38 11.17
C3N NAI D . -11.18 -7.91 11.97
C7N NAI D . -11.11 -7.68 13.51
O7N NAI D . -10.34 -8.28 14.16
N7N NAI D . -12.05 -6.70 14.13
C4N NAI D . -10.07 -8.74 11.29
C5N NAI D . -10.48 -9.21 9.86
C6N NAI D . -11.36 -8.26 9.03
#